data_9GWV
#
_entry.id   9GWV
#
_cell.length_a   82.893
_cell.length_b   57.021
_cell.length_c   91.609
_cell.angle_alpha   90.00
_cell.angle_beta   93.45
_cell.angle_gamma   90.00
#
_symmetry.space_group_name_H-M   'I 1 2 1'
#
loop_
_entity.id
_entity.type
_entity.pdbx_description
1 polymer 'Sulfoquinovose 1-dehydrogenase'
2 non-polymer NICOTINAMIDE-ADENINE-DINUCLEOTIDE
3 water water
#
_entity_poly.entity_id   1
_entity_poly.type   'polypeptide(L)'
_entity_poly.pdbx_seq_one_letter_code
;MGSSHHHHHHSSGMNRHTDTHYPSLADKVVLISGGASGIGRAFVEAFVAQGSRVAFLDLDAEAGQGLAHALGANSLFLPC
DVRDIERLKACVAEVERTWGAVDVLINNAARDDRHALADVSVEYWDERMQTNLRHAFFAAQAVAPGMARRGSGAIINMGS
ISWMRGRPGMVCYTTAKAALNGMTRTLARELGGQGIRINSLVPGAIRTERQDAMWAADPAGLEAASQAFIDQQMLKFRLD
ASDCARLALFLASDDSRGCTGQNFVVDAGLSIQ
;
_entity_poly.pdbx_strand_id   A,B
#
# COMPACT_ATOMS: atom_id res chain seq x y z
N GLY A 13 -13.54 -12.77 -22.07
CA GLY A 13 -13.98 -13.77 -21.07
C GLY A 13 -13.33 -13.60 -19.69
N MET A 14 -12.10 -13.01 -19.67
CA MET A 14 -11.19 -13.01 -18.53
C MET A 14 -11.51 -11.92 -17.50
N ASN A 15 -11.33 -12.26 -16.22
CA ASN A 15 -11.26 -11.27 -15.16
C ASN A 15 -10.03 -10.37 -15.36
N ARG A 16 -10.28 -9.05 -15.50
CA ARG A 16 -9.31 -7.98 -15.69
C ARG A 16 -8.88 -7.48 -14.30
N HIS A 17 -9.76 -7.76 -13.26
CA HIS A 17 -9.55 -7.43 -11.86
C HIS A 17 -9.63 -5.94 -11.51
N THR A 18 -9.21 -5.04 -12.41
CA THR A 18 -9.39 -3.62 -12.14
C THR A 18 -9.70 -2.92 -13.44
N ASP A 19 -10.33 -1.73 -13.34
CA ASP A 19 -10.35 -0.81 -14.47
C ASP A 19 -9.15 0.15 -14.44
N THR A 20 -8.31 0.12 -13.41
CA THR A 20 -7.11 0.96 -13.39
C THR A 20 -6.15 0.59 -14.53
N HIS A 21 -5.43 1.59 -15.08
CA HIS A 21 -4.46 1.26 -16.12
C HIS A 21 -3.09 1.74 -15.67
N TYR A 22 -2.12 0.80 -15.53
CA TYR A 22 -0.76 1.20 -15.13
C TYR A 22 0.16 1.10 -16.34
N PRO A 23 0.46 2.23 -17.00
CA PRO A 23 1.36 2.19 -18.15
C PRO A 23 2.72 1.60 -17.78
N SER A 24 3.19 1.85 -16.55
CA SER A 24 4.51 1.30 -16.20
C SER A 24 4.57 -0.24 -16.23
N LEU A 25 3.45 -0.96 -16.30
CA LEU A 25 3.48 -2.44 -16.27
C LEU A 25 3.59 -3.08 -17.65
N ALA A 26 3.26 -2.26 -18.64
CA ALA A 26 3.30 -2.73 -20.04
C ALA A 26 4.66 -3.38 -20.33
N ASP A 27 4.67 -4.62 -20.87
CA ASP A 27 5.92 -5.26 -21.27
C ASP A 27 6.85 -5.70 -20.14
N LYS A 28 6.45 -5.57 -18.88
CA LYS A 28 7.37 -5.93 -17.82
C LYS A 28 7.26 -7.45 -17.75
N VAL A 29 8.30 -8.09 -17.29
CA VAL A 29 8.32 -9.55 -17.24
C VAL A 29 8.00 -9.92 -15.80
N VAL A 30 6.97 -10.76 -15.64
CA VAL A 30 6.41 -11.00 -14.34
C VAL A 30 6.50 -12.50 -14.12
N LEU A 31 7.08 -12.98 -13.00
CA LEU A 31 7.13 -14.37 -12.65
C LEU A 31 6.32 -14.69 -11.39
N ILE A 32 5.36 -15.62 -11.47
CA ILE A 32 4.50 -15.91 -10.30
C ILE A 32 4.56 -17.42 -10.03
N SER A 33 4.85 -17.80 -8.76
CA SER A 33 4.82 -19.23 -8.39
C SER A 33 3.42 -19.52 -7.87
N GLY A 34 2.97 -20.76 -8.07
CA GLY A 34 1.63 -21.23 -7.81
C GLY A 34 0.61 -20.37 -8.55
N GLY A 35 0.89 -20.05 -9.81
CA GLY A 35 0.06 -19.15 -10.61
C GLY A 35 -1.13 -19.82 -11.27
N ALA A 36 -1.26 -21.18 -11.19
CA ALA A 36 -2.31 -21.75 -12.02
C ALA A 36 -3.73 -21.66 -11.43
N SER A 37 -3.83 -21.43 -10.12
CA SER A 37 -5.13 -21.55 -9.46
C SER A 37 -5.20 -20.47 -8.39
N GLY A 38 -6.41 -20.09 -7.99
CA GLY A 38 -6.71 -19.27 -6.80
C GLY A 38 -6.05 -17.90 -6.95
N ILE A 39 -5.54 -17.37 -5.82
CA ILE A 39 -4.87 -16.08 -5.82
C ILE A 39 -3.84 -15.91 -6.96
N GLY A 40 -2.94 -16.89 -7.08
CA GLY A 40 -1.89 -16.85 -8.07
C GLY A 40 -2.46 -16.65 -9.51
N ARG A 41 -3.59 -17.34 -9.83
CA ARG A 41 -4.29 -17.15 -11.10
C ARG A 41 -4.77 -15.71 -11.28
N ALA A 42 -5.28 -15.13 -10.20
CA ALA A 42 -5.79 -13.78 -10.30
C ALA A 42 -4.63 -12.82 -10.66
N PHE A 43 -3.43 -13.00 -10.04
CA PHE A 43 -2.24 -12.23 -10.41
C PHE A 43 -1.91 -12.36 -11.87
N VAL A 44 -1.88 -13.64 -12.34
CA VAL A 44 -1.58 -13.97 -13.71
C VAL A 44 -2.53 -13.20 -14.63
N GLU A 45 -3.84 -13.29 -14.38
CA GLU A 45 -4.79 -12.62 -15.25
C GLU A 45 -4.65 -11.09 -15.18
N ALA A 46 -4.40 -10.54 -13.98
CA ALA A 46 -4.40 -9.09 -13.81
C ALA A 46 -3.18 -8.50 -14.53
N PHE A 47 -2.06 -9.19 -14.51
CA PHE A 47 -0.87 -8.57 -15.09
C PHE A 47 -0.90 -8.73 -16.60
N VAL A 48 -1.38 -9.88 -17.06
CA VAL A 48 -1.65 -10.00 -18.48
C VAL A 48 -2.58 -8.86 -18.97
N ALA A 49 -3.60 -8.48 -18.20
CA ALA A 49 -4.53 -7.43 -18.65
C ALA A 49 -3.80 -6.07 -18.77
N GLN A 50 -2.69 -5.88 -18.06
CA GLN A 50 -1.94 -4.64 -18.06
C GLN A 50 -0.85 -4.68 -19.14
N GLY A 51 -0.75 -5.83 -19.85
CA GLY A 51 0.12 -5.76 -21.01
C GLY A 51 1.50 -6.32 -20.66
N SER A 52 1.63 -6.90 -19.45
CA SER A 52 2.88 -7.52 -19.02
C SER A 52 3.05 -8.87 -19.71
N ARG A 53 4.30 -9.38 -19.72
CA ARG A 53 4.68 -10.72 -20.14
C ARG A 53 4.73 -11.58 -18.89
N VAL A 54 3.81 -12.56 -18.76
CA VAL A 54 3.64 -13.21 -17.44
C VAL A 54 3.97 -14.69 -17.53
N ALA A 55 4.98 -15.10 -16.74
CA ALA A 55 5.42 -16.48 -16.67
C ALA A 55 4.92 -16.97 -15.32
N PHE A 56 4.34 -18.19 -15.29
CA PHE A 56 3.96 -18.69 -14.00
C PHE A 56 4.33 -20.15 -13.87
N LEU A 57 4.56 -20.53 -12.61
CA LEU A 57 5.00 -21.87 -12.22
C LEU A 57 3.90 -22.51 -11.38
N ASP A 58 3.75 -23.80 -11.55
CA ASP A 58 2.75 -24.56 -10.85
C ASP A 58 3.00 -26.05 -11.03
N LEU A 59 2.64 -26.84 -10.01
CA LEU A 59 2.78 -28.29 -10.14
C LEU A 59 1.51 -28.85 -10.81
N ASP A 60 0.40 -28.10 -10.86
CA ASP A 60 -0.78 -28.60 -11.59
C ASP A 60 -0.71 -28.30 -13.09
N ALA A 61 -0.25 -29.30 -13.89
CA ALA A 61 0.16 -29.07 -15.29
C ALA A 61 -1.06 -28.68 -16.14
N GLU A 62 -2.19 -29.42 -15.93
CA GLU A 62 -3.44 -29.31 -16.67
C GLU A 62 -4.06 -27.93 -16.41
N ALA A 63 -3.94 -27.43 -15.19
CA ALA A 63 -4.51 -26.15 -14.85
C ALA A 63 -3.62 -25.06 -15.48
N GLY A 64 -2.31 -25.27 -15.47
CA GLY A 64 -1.38 -24.29 -15.99
C GLY A 64 -1.43 -24.15 -17.51
N GLN A 65 -1.42 -25.29 -18.18
CA GLN A 65 -1.60 -25.36 -19.61
C GLN A 65 -2.89 -24.66 -20.00
N GLY A 66 -4.03 -24.98 -19.35
CA GLY A 66 -5.28 -24.39 -19.78
C GLY A 66 -5.22 -22.89 -19.65
N LEU A 67 -4.65 -22.43 -18.54
CA LEU A 67 -4.62 -21.00 -18.26
C LEU A 67 -3.72 -20.29 -19.28
N ALA A 68 -2.52 -20.83 -19.55
CA ALA A 68 -1.65 -20.19 -20.53
C ALA A 68 -2.34 -20.15 -21.90
N HIS A 69 -2.96 -21.28 -22.31
CA HIS A 69 -3.67 -21.30 -23.57
C HIS A 69 -4.77 -20.23 -23.59
N ALA A 70 -5.50 -20.08 -22.48
CA ALA A 70 -6.64 -19.18 -22.50
C ALA A 70 -6.18 -17.72 -22.57
N LEU A 71 -5.02 -17.41 -21.99
CA LEU A 71 -4.55 -16.05 -21.91
C LEU A 71 -3.65 -15.70 -23.12
N GLY A 72 -3.09 -16.68 -23.81
CA GLY A 72 -2.42 -16.36 -25.06
C GLY A 72 -0.93 -16.12 -24.84
N ALA A 73 -0.32 -15.47 -25.85
CA ALA A 73 1.11 -15.52 -26.15
C ALA A 73 1.91 -14.71 -25.14
N ASN A 74 1.27 -13.81 -24.40
CA ASN A 74 2.05 -13.15 -23.37
C ASN A 74 1.94 -13.86 -22.01
N SER A 75 1.41 -15.12 -22.01
CA SER A 75 1.46 -15.96 -20.81
C SER A 75 2.37 -17.15 -21.11
N LEU A 76 3.20 -17.59 -20.17
CA LEU A 76 4.05 -18.78 -20.31
C LEU A 76 3.89 -19.60 -19.02
N PHE A 77 3.44 -20.85 -19.16
CA PHE A 77 3.32 -21.73 -18.01
C PHE A 77 4.56 -22.64 -18.02
N LEU A 78 5.33 -22.69 -16.91
CA LEU A 78 6.41 -23.66 -16.74
C LEU A 78 6.00 -24.62 -15.64
N PRO A 79 5.85 -25.95 -15.91
CA PRO A 79 5.69 -26.92 -14.82
C PRO A 79 6.83 -26.89 -13.76
N CYS A 80 6.47 -26.86 -12.46
CA CYS A 80 7.49 -26.77 -11.45
C CYS A 80 6.89 -27.10 -10.09
N ASP A 81 7.58 -27.98 -9.39
CA ASP A 81 7.35 -28.26 -7.99
C ASP A 81 8.42 -27.48 -7.23
N VAL A 82 7.99 -26.41 -6.53
CA VAL A 82 8.85 -25.42 -5.91
C VAL A 82 9.77 -26.02 -4.80
N ARG A 83 9.52 -27.25 -4.36
CA ARG A 83 10.39 -27.90 -3.39
C ARG A 83 11.68 -28.34 -4.09
N ASP A 84 11.57 -28.49 -5.39
CA ASP A 84 12.72 -28.91 -6.17
C ASP A 84 13.43 -27.64 -6.60
N ILE A 85 14.47 -27.26 -5.88
CA ILE A 85 15.19 -26.01 -6.14
C ILE A 85 15.86 -26.03 -7.53
N GLU A 86 16.50 -27.14 -7.87
CA GLU A 86 17.03 -27.24 -9.23
C GLU A 86 15.97 -26.92 -10.31
N ARG A 87 14.73 -27.38 -10.16
CA ARG A 87 13.74 -27.11 -11.22
C ARG A 87 13.33 -25.64 -11.16
N LEU A 88 13.29 -25.13 -9.95
CA LEU A 88 12.93 -23.76 -9.75
C LEU A 88 13.97 -22.91 -10.48
N LYS A 89 15.25 -23.19 -10.24
CA LYS A 89 16.34 -22.52 -10.92
C LYS A 89 16.20 -22.67 -12.43
N ALA A 90 15.88 -23.87 -12.88
CA ALA A 90 15.79 -24.06 -14.34
C ALA A 90 14.66 -23.21 -14.95
N CYS A 91 13.51 -23.14 -14.26
CA CYS A 91 12.38 -22.37 -14.73
C CYS A 91 12.71 -20.89 -14.81
N VAL A 92 13.41 -20.38 -13.81
CA VAL A 92 13.86 -19.00 -13.80
C VAL A 92 14.76 -18.76 -15.02
N ALA A 93 15.70 -19.65 -15.26
CA ALA A 93 16.69 -19.42 -16.31
C ALA A 93 15.99 -19.41 -17.67
N GLU A 94 14.96 -20.25 -17.79
CA GLU A 94 14.26 -20.33 -19.06
C GLU A 94 13.42 -19.06 -19.30
N VAL A 95 12.80 -18.52 -18.24
CA VAL A 95 12.08 -17.23 -18.36
C VAL A 95 13.06 -16.16 -18.86
N GLU A 96 14.23 -16.10 -18.25
CA GLU A 96 15.25 -15.12 -18.59
C GLU A 96 15.78 -15.33 -20.00
N ARG A 97 15.85 -16.60 -20.42
CA ARG A 97 16.21 -16.90 -21.79
C ARG A 97 15.15 -16.40 -22.77
N THR A 98 13.84 -16.50 -22.47
CA THR A 98 12.82 -16.18 -23.46
C THR A 98 12.62 -14.65 -23.54
N TRP A 99 12.45 -14.02 -22.38
CA TRP A 99 12.05 -12.63 -22.25
C TRP A 99 13.08 -11.71 -21.60
N GLY A 100 14.28 -12.23 -21.26
CA GLY A 100 15.16 -11.40 -20.46
C GLY A 100 14.89 -11.41 -18.95
N ALA A 101 15.61 -10.57 -18.22
CA ALA A 101 15.63 -10.48 -16.77
C ALA A 101 14.20 -10.30 -16.23
N VAL A 102 13.87 -10.98 -15.13
CA VAL A 102 12.55 -10.77 -14.55
C VAL A 102 12.46 -9.34 -13.99
N ASP A 103 11.32 -8.67 -14.19
CA ASP A 103 11.07 -7.36 -13.58
C ASP A 103 10.40 -7.52 -12.21
N VAL A 104 9.49 -8.52 -12.12
CA VAL A 104 8.59 -8.64 -10.99
C VAL A 104 8.48 -10.12 -10.58
N LEU A 105 8.93 -10.46 -9.38
CA LEU A 105 8.74 -11.82 -8.87
C LEU A 105 7.66 -11.77 -7.79
N ILE A 106 6.71 -12.72 -7.84
CA ILE A 106 5.72 -12.90 -6.80
C ILE A 106 5.86 -14.33 -6.29
N ASN A 107 6.34 -14.41 -5.04
CA ASN A 107 6.51 -15.64 -4.30
C ASN A 107 5.17 -15.94 -3.68
N ASN A 108 4.42 -16.87 -4.27
CA ASN A 108 3.02 -17.07 -4.01
C ASN A 108 2.75 -18.50 -3.55
N ALA A 109 3.46 -19.50 -4.10
CA ALA A 109 3.12 -20.89 -3.87
C ALA A 109 3.22 -21.18 -2.36
N ALA A 110 2.22 -21.88 -1.85
CA ALA A 110 2.07 -22.20 -0.44
C ALA A 110 1.07 -23.35 -0.33
N ARG A 111 1.11 -24.05 0.81
CA ARG A 111 0.08 -25.02 1.16
C ARG A 111 -0.34 -24.71 2.60
N ASP A 112 -1.63 -24.41 2.82
CA ASP A 112 -2.06 -23.99 4.13
C ASP A 112 -2.92 -25.02 4.87
N ASP A 113 -2.83 -26.28 4.49
CA ASP A 113 -3.52 -27.38 5.15
C ASP A 113 -3.27 -27.40 6.66
N ARG A 114 -4.33 -27.71 7.40
CA ARG A 114 -4.40 -27.62 8.84
C ARG A 114 -3.63 -28.81 9.42
N HIS A 115 -3.09 -28.68 10.65
CA HIS A 115 -2.32 -29.75 11.27
C HIS A 115 -2.16 -29.35 12.72
N ALA A 116 -2.41 -30.28 13.62
CA ALA A 116 -2.30 -30.02 15.05
C ALA A 116 -0.85 -30.09 15.54
N LEU A 117 -0.50 -29.14 16.43
CA LEU A 117 0.82 -29.00 17.05
C LEU A 117 1.31 -30.34 17.55
N ALA A 118 0.43 -31.06 18.25
CA ALA A 118 0.83 -32.29 18.86
C ALA A 118 1.28 -33.34 17.83
N ASP A 119 0.80 -33.28 16.56
CA ASP A 119 0.91 -34.42 15.62
C ASP A 119 2.02 -34.24 14.58
N VAL A 120 2.77 -33.13 14.59
CA VAL A 120 3.72 -32.82 13.52
C VAL A 120 5.02 -33.60 13.68
N SER A 121 5.43 -34.32 12.60
CA SER A 121 6.64 -35.16 12.61
C SER A 121 7.75 -34.33 12.00
N VAL A 122 9.00 -34.82 12.08
CA VAL A 122 10.10 -34.08 11.46
C VAL A 122 9.87 -33.90 9.97
N GLU A 123 9.48 -34.99 9.29
CA GLU A 123 9.32 -35.03 7.85
C GLU A 123 8.22 -34.07 7.41
N TYR A 124 7.10 -34.02 8.13
CA TYR A 124 6.07 -33.04 7.76
C TYR A 124 6.59 -31.59 7.83
N TRP A 125 7.31 -31.30 8.90
CA TRP A 125 7.82 -29.97 9.16
C TRP A 125 8.75 -29.59 8.02
N ASP A 126 9.70 -30.50 7.69
CA ASP A 126 10.64 -30.15 6.63
C ASP A 126 9.90 -29.87 5.31
N GLU A 127 8.96 -30.76 4.97
CA GLU A 127 8.27 -30.57 3.68
C GLU A 127 7.45 -29.26 3.72
N ARG A 128 6.70 -29.00 4.80
CA ARG A 128 5.81 -27.83 4.88
C ARG A 128 6.65 -26.53 4.78
N MET A 129 7.86 -26.50 5.40
CA MET A 129 8.79 -25.37 5.27
C MET A 129 9.29 -25.24 3.82
N GLN A 130 9.47 -26.37 3.15
CA GLN A 130 10.01 -26.32 1.80
C GLN A 130 8.98 -25.78 0.78
N THR A 131 7.71 -26.15 0.99
CA THR A 131 6.62 -25.72 0.14
C THR A 131 6.27 -24.26 0.41
N ASN A 132 6.42 -23.85 1.69
CA ASN A 132 5.87 -22.58 2.14
C ASN A 132 6.92 -21.47 2.24
N LEU A 133 8.20 -21.79 2.46
CA LEU A 133 9.17 -20.73 2.66
C LEU A 133 10.38 -20.77 1.73
N ARG A 134 10.99 -21.97 1.59
CA ARG A 134 12.35 -22.07 1.11
C ARG A 134 12.42 -21.49 -0.29
N HIS A 135 11.41 -21.82 -1.09
CA HIS A 135 11.46 -21.43 -2.49
C HIS A 135 11.49 -19.91 -2.69
N ALA A 136 10.84 -19.18 -1.74
CA ALA A 136 10.77 -17.74 -1.92
C ALA A 136 12.19 -17.20 -1.83
N PHE A 137 13.02 -17.76 -0.91
CA PHE A 137 14.43 -17.31 -0.90
C PHE A 137 15.11 -17.65 -2.24
N PHE A 138 15.00 -18.90 -2.68
CA PHE A 138 15.79 -19.31 -3.84
C PHE A 138 15.34 -18.61 -5.11
N ALA A 139 14.02 -18.33 -5.19
CA ALA A 139 13.51 -17.63 -6.36
C ALA A 139 14.06 -16.22 -6.41
N ALA A 140 14.07 -15.56 -5.21
CA ALA A 140 14.72 -14.25 -5.12
C ALA A 140 16.18 -14.37 -5.54
N GLN A 141 16.87 -15.42 -5.07
CA GLN A 141 18.30 -15.49 -5.33
C GLN A 141 18.53 -15.61 -6.86
N ALA A 142 17.64 -16.37 -7.51
CA ALA A 142 17.75 -16.59 -8.96
C ALA A 142 17.44 -15.34 -9.82
N VAL A 143 16.49 -14.50 -9.39
CA VAL A 143 16.13 -13.38 -10.24
C VAL A 143 17.04 -12.20 -9.94
N ALA A 144 17.73 -12.15 -8.75
CA ALA A 144 18.50 -10.96 -8.35
C ALA A 144 19.60 -10.57 -9.32
N PRO A 145 20.45 -11.47 -9.85
CA PRO A 145 21.54 -11.00 -10.70
C PRO A 145 21.05 -10.31 -11.97
N GLY A 146 20.06 -10.93 -12.63
CA GLY A 146 19.40 -10.31 -13.78
C GLY A 146 18.78 -8.95 -13.44
N MET A 147 18.13 -8.82 -12.24
CA MET A 147 17.64 -7.52 -11.84
C MET A 147 18.78 -6.53 -11.68
N ALA A 148 19.87 -6.96 -11.05
CA ALA A 148 20.95 -6.05 -10.69
C ALA A 148 21.62 -5.57 -11.97
N ARG A 149 21.74 -6.47 -12.97
CA ARG A 149 22.41 -6.09 -14.22
C ARG A 149 21.63 -4.91 -14.78
N ARG A 150 20.28 -4.99 -14.76
CA ARG A 150 19.47 -3.94 -15.36
C ARG A 150 19.40 -2.73 -14.41
N GLY A 151 19.58 -2.93 -13.11
CA GLY A 151 19.48 -1.84 -12.15
C GLY A 151 18.09 -1.66 -11.53
N SER A 152 17.15 -2.62 -11.72
CA SER A 152 15.80 -2.44 -11.20
C SER A 152 15.13 -3.79 -11.11
N GLY A 153 14.17 -3.85 -10.16
CA GLY A 153 13.42 -5.07 -9.94
C GLY A 153 12.49 -4.90 -8.73
N ALA A 154 11.47 -5.73 -8.71
CA ALA A 154 10.59 -5.76 -7.58
C ALA A 154 10.27 -7.20 -7.21
N ILE A 155 10.20 -7.45 -5.89
CA ILE A 155 9.82 -8.74 -5.39
C ILE A 155 8.65 -8.55 -4.44
N ILE A 156 7.71 -9.47 -4.54
CA ILE A 156 6.53 -9.45 -3.64
C ILE A 156 6.42 -10.79 -2.96
N ASN A 157 6.45 -10.81 -1.61
CA ASN A 157 6.38 -12.04 -0.88
C ASN A 157 4.98 -12.14 -0.36
N MET A 158 4.26 -13.25 -0.67
CA MET A 158 2.89 -13.31 -0.13
C MET A 158 2.99 -13.74 1.34
N GLY A 159 2.50 -12.88 2.20
CA GLY A 159 2.49 -12.96 3.65
C GLY A 159 1.13 -13.47 4.12
N SER A 160 0.79 -13.36 5.41
CA SER A 160 -0.51 -13.79 5.95
C SER A 160 -0.74 -13.06 7.30
N ILE A 161 -2.00 -12.73 7.64
CA ILE A 161 -2.27 -12.15 8.93
C ILE A 161 -2.36 -13.21 10.02
N SER A 162 -2.34 -14.50 9.61
CA SER A 162 -2.62 -15.60 10.52
C SER A 162 -1.59 -15.59 11.65
N TRP A 163 -0.31 -15.36 11.34
CA TRP A 163 0.67 -15.40 12.44
C TRP A 163 0.55 -14.16 13.27
N MET A 164 0.19 -13.06 12.60
CA MET A 164 0.01 -11.83 13.37
C MET A 164 -1.12 -12.03 14.40
N ARG A 165 -2.22 -12.70 14.00
CA ARG A 165 -3.36 -12.93 14.91
C ARG A 165 -3.17 -14.19 15.74
N GLY A 166 -1.95 -14.78 15.75
CA GLY A 166 -1.67 -15.92 16.61
C GLY A 166 -2.61 -17.13 16.30
N ARG A 167 -2.98 -17.31 15.04
CA ARG A 167 -3.91 -18.37 14.62
C ARG A 167 -3.33 -19.74 14.88
N PRO A 168 -4.03 -20.59 15.67
CA PRO A 168 -3.58 -21.94 15.94
C PRO A 168 -3.88 -22.94 14.78
N GLY A 169 -3.33 -24.15 14.85
CA GLY A 169 -3.71 -25.38 14.12
C GLY A 169 -3.03 -25.48 12.75
N MET A 170 -2.00 -24.68 12.48
CA MET A 170 -1.25 -24.78 11.26
C MET A 170 0.11 -24.11 11.47
N VAL A 171 0.86 -24.65 12.45
CA VAL A 171 2.11 -24.07 12.90
C VAL A 171 3.16 -24.00 11.76
N CYS A 172 3.22 -24.99 10.85
CA CYS A 172 4.24 -24.85 9.83
C CYS A 172 3.96 -23.69 8.89
N TYR A 173 2.67 -23.51 8.52
CA TYR A 173 2.27 -22.47 7.60
C TYR A 173 2.40 -21.08 8.23
N THR A 174 1.94 -20.93 9.47
CA THR A 174 2.07 -19.60 10.08
C THR A 174 3.54 -19.24 10.33
N THR A 175 4.35 -20.24 10.75
CA THR A 175 5.74 -19.95 11.04
C THR A 175 6.47 -19.57 9.75
N ALA A 176 6.18 -20.31 8.62
CA ALA A 176 6.73 -19.89 7.32
C ALA A 176 6.34 -18.43 7.02
N LYS A 177 5.05 -18.12 7.16
CA LYS A 177 4.59 -16.80 6.81
C LYS A 177 5.31 -15.79 7.69
N ALA A 178 5.53 -16.11 8.96
CA ALA A 178 6.24 -15.15 9.81
C ALA A 178 7.71 -15.04 9.36
N ALA A 179 8.29 -16.16 8.90
CA ALA A 179 9.64 -16.16 8.31
C ALA A 179 9.77 -15.14 7.16
N LEU A 180 8.80 -15.12 6.26
CA LEU A 180 8.88 -14.23 5.09
C LEU A 180 8.71 -12.78 5.53
N ASN A 181 7.96 -12.52 6.62
CA ASN A 181 7.86 -11.16 7.14
C ASN A 181 9.27 -10.65 7.40
N GLY A 182 10.15 -11.45 8.00
CA GLY A 182 11.54 -11.01 8.30
C GLY A 182 12.43 -10.99 7.02
N MET A 183 12.26 -12.01 6.15
CA MET A 183 13.03 -12.15 4.93
C MET A 183 12.79 -10.96 3.99
N THR A 184 11.55 -10.46 3.95
CA THR A 184 11.27 -9.21 3.26
C THR A 184 12.20 -8.08 3.70
N ARG A 185 12.25 -7.78 5.01
CA ARG A 185 13.05 -6.65 5.53
C ARG A 185 14.52 -6.82 5.13
N THR A 186 15.07 -8.01 5.34
CA THR A 186 16.53 -8.16 5.31
C THR A 186 16.97 -8.22 3.84
N LEU A 187 16.16 -8.87 2.99
CA LEU A 187 16.55 -8.87 1.57
C LEU A 187 16.35 -7.47 0.99
N ALA A 188 15.32 -6.73 1.48
CA ALA A 188 15.16 -5.35 1.04
C ALA A 188 16.48 -4.57 1.22
N ARG A 189 17.11 -4.73 2.38
CA ARG A 189 18.37 -4.02 2.64
C ARG A 189 19.50 -4.63 1.81
N GLU A 190 19.56 -5.98 1.77
CA GLU A 190 20.69 -6.58 1.11
C GLU A 190 20.64 -6.29 -0.39
N LEU A 191 19.45 -6.11 -0.98
CA LEU A 191 19.46 -5.99 -2.45
C LEU A 191 19.11 -4.59 -2.92
N GLY A 192 18.66 -3.73 -1.99
CA GLY A 192 18.12 -2.46 -2.45
C GLY A 192 19.23 -1.59 -3.10
N GLY A 193 20.48 -1.72 -2.64
CA GLY A 193 21.55 -0.99 -3.36
C GLY A 193 21.67 -1.40 -4.84
N GLN A 194 21.16 -2.57 -5.21
CA GLN A 194 21.15 -2.99 -6.62
C GLN A 194 19.91 -2.52 -7.39
N GLY A 195 19.02 -1.79 -6.71
CA GLY A 195 17.82 -1.24 -7.29
C GLY A 195 16.60 -2.15 -7.07
N ILE A 196 16.71 -3.20 -6.25
CA ILE A 196 15.63 -4.17 -6.08
C ILE A 196 14.83 -3.83 -4.83
N ARG A 197 13.55 -3.53 -5.00
CA ARG A 197 12.60 -3.35 -3.93
C ARG A 197 11.86 -4.64 -3.59
N ILE A 198 11.56 -4.84 -2.30
CA ILE A 198 10.99 -6.10 -1.81
C ILE A 198 9.96 -5.74 -0.76
N ASN A 199 8.75 -6.23 -0.93
CA ASN A 199 7.70 -5.98 0.02
C ASN A 199 6.85 -7.23 0.20
N SER A 200 6.07 -7.29 1.28
CA SER A 200 5.17 -8.37 1.43
C SER A 200 3.73 -7.87 1.28
N LEU A 201 2.97 -8.65 0.53
CA LEU A 201 1.57 -8.49 0.30
C LEU A 201 0.92 -9.43 1.30
N VAL A 202 0.07 -8.91 2.19
CA VAL A 202 -0.44 -9.64 3.35
C VAL A 202 -1.97 -9.65 3.31
N PRO A 203 -2.59 -10.71 2.77
CA PRO A 203 -4.06 -10.74 2.71
C PRO A 203 -4.64 -11.23 4.04
N GLY A 204 -5.93 -10.93 4.21
CA GLY A 204 -6.79 -11.39 5.29
C GLY A 204 -7.43 -12.69 4.79
N ALA A 205 -8.72 -12.86 5.03
CA ALA A 205 -9.41 -14.11 4.71
C ALA A 205 -10.04 -14.01 3.32
N ILE A 206 -9.36 -14.61 2.33
CA ILE A 206 -9.71 -14.37 0.94
C ILE A 206 -10.69 -15.46 0.48
N ARG A 207 -11.84 -15.08 -0.11
CA ARG A 207 -12.75 -16.14 -0.54
C ARG A 207 -12.20 -16.71 -1.86
N THR A 208 -12.09 -18.06 -2.01
CA THR A 208 -11.61 -18.64 -3.26
C THR A 208 -12.45 -19.89 -3.53
N GLU A 209 -12.76 -20.20 -4.82
CA GLU A 209 -13.28 -21.51 -5.21
C GLU A 209 -12.35 -22.62 -4.67
N ASP A 218 -21.68 -28.86 4.01
CA ASP A 218 -22.53 -27.90 4.76
C ASP A 218 -22.45 -26.55 4.05
N PRO A 219 -23.45 -26.26 3.17
CA PRO A 219 -23.78 -24.89 2.76
C PRO A 219 -23.93 -23.90 3.93
N ALA A 220 -24.66 -24.29 5.01
CA ALA A 220 -24.82 -23.44 6.19
C ALA A 220 -23.47 -23.24 6.87
N GLY A 221 -22.64 -24.30 6.94
CA GLY A 221 -21.34 -24.28 7.59
C GLY A 221 -20.39 -23.29 6.88
N LEU A 222 -20.46 -23.28 5.54
CA LEU A 222 -19.65 -22.37 4.76
C LEU A 222 -20.18 -20.95 4.97
N GLU A 223 -21.53 -20.79 4.89
CA GLU A 223 -22.19 -19.50 4.95
C GLU A 223 -21.91 -18.87 6.32
N ALA A 224 -21.96 -19.72 7.35
CA ALA A 224 -21.74 -19.28 8.72
C ALA A 224 -20.30 -18.83 8.88
N ALA A 225 -19.36 -19.60 8.30
CA ALA A 225 -17.96 -19.26 8.50
C ALA A 225 -17.68 -17.92 7.82
N SER A 226 -18.39 -17.70 6.69
CA SER A 226 -18.11 -16.54 5.87
C SER A 226 -18.68 -15.31 6.59
N GLN A 227 -19.87 -15.48 7.20
CA GLN A 227 -20.49 -14.50 8.06
C GLN A 227 -19.64 -14.21 9.26
N ALA A 228 -18.99 -15.23 9.83
CA ALA A 228 -18.12 -14.93 10.97
C ALA A 228 -16.97 -14.03 10.54
N PHE A 229 -16.36 -14.25 9.38
CA PHE A 229 -15.31 -13.31 9.00
C PHE A 229 -15.85 -11.87 8.81
N ILE A 230 -17.05 -11.73 8.21
CA ILE A 230 -17.70 -10.44 8.04
C ILE A 230 -17.94 -9.81 9.41
N ASP A 231 -18.38 -10.60 10.36
CA ASP A 231 -18.72 -10.06 11.67
C ASP A 231 -17.42 -9.56 12.33
N GLN A 232 -16.31 -10.25 12.11
CA GLN A 232 -15.10 -9.84 12.84
C GLN A 232 -14.31 -8.70 12.16
N GLN A 233 -14.42 -8.62 10.80
CA GLN A 233 -13.90 -7.56 9.97
C GLN A 233 -14.50 -6.19 10.36
N MET A 234 -13.77 -5.15 9.98
CA MET A 234 -14.20 -3.75 10.07
C MET A 234 -15.04 -3.34 8.88
N LEU A 235 -14.69 -3.83 7.71
CA LEU A 235 -15.51 -3.61 6.51
C LEU A 235 -16.35 -4.86 6.28
N LYS A 236 -17.64 -4.68 6.07
CA LYS A 236 -18.59 -5.79 6.17
C LYS A 236 -18.86 -6.45 4.82
N PHE A 237 -17.82 -6.95 4.16
CA PHE A 237 -18.01 -7.62 2.86
C PHE A 237 -16.87 -8.64 2.73
N ARG A 238 -17.01 -9.69 1.92
CA ARG A 238 -15.91 -10.65 1.91
C ARG A 238 -14.84 -10.20 0.90
N LEU A 239 -13.57 -10.44 1.23
CA LEU A 239 -12.48 -10.14 0.30
C LEU A 239 -12.39 -11.29 -0.72
N ASP A 240 -11.86 -11.01 -1.91
CA ASP A 240 -11.68 -12.09 -2.90
C ASP A 240 -10.28 -11.90 -3.54
N ALA A 241 -9.95 -12.75 -4.50
CA ALA A 241 -8.61 -12.79 -5.12
C ALA A 241 -8.35 -11.48 -5.84
N SER A 242 -9.43 -10.78 -6.28
CA SER A 242 -9.24 -9.55 -7.03
C SER A 242 -8.65 -8.47 -6.11
N ASP A 243 -9.09 -8.45 -4.88
CA ASP A 243 -8.54 -7.52 -3.90
C ASP A 243 -7.02 -7.67 -3.79
N CYS A 244 -6.57 -8.93 -3.71
CA CYS A 244 -5.15 -9.24 -3.75
C CYS A 244 -4.49 -8.72 -5.01
N ALA A 245 -5.06 -9.10 -6.16
CA ALA A 245 -4.40 -8.75 -7.42
C ALA A 245 -4.27 -7.24 -7.57
N ARG A 246 -5.34 -6.49 -7.15
CA ARG A 246 -5.23 -5.02 -7.29
C ARG A 246 -4.10 -4.46 -6.42
N LEU A 247 -3.82 -5.09 -5.26
CA LEU A 247 -2.69 -4.60 -4.48
C LEU A 247 -1.39 -4.97 -5.19
N ALA A 248 -1.29 -6.21 -5.73
CA ALA A 248 -0.05 -6.62 -6.36
C ALA A 248 0.32 -5.70 -7.53
N LEU A 249 -0.69 -5.26 -8.29
CA LEU A 249 -0.39 -4.44 -9.46
C LEU A 249 0.28 -3.15 -8.99
N PHE A 250 -0.26 -2.55 -7.92
CA PHE A 250 0.33 -1.33 -7.40
C PHE A 250 1.78 -1.56 -6.94
N LEU A 251 2.02 -2.65 -6.17
CA LEU A 251 3.34 -3.04 -5.63
C LEU A 251 4.38 -3.40 -6.71
N ALA A 252 3.89 -3.82 -7.87
CA ALA A 252 4.74 -4.04 -9.06
C ALA A 252 5.02 -2.76 -9.86
N SER A 253 4.13 -1.78 -9.80
CA SER A 253 4.17 -0.69 -10.75
C SER A 253 5.17 0.36 -10.25
N ASP A 254 5.47 1.34 -11.09
CA ASP A 254 6.31 2.50 -10.76
C ASP A 254 5.63 3.40 -9.73
N ASP A 255 4.34 3.20 -9.49
CA ASP A 255 3.66 3.95 -8.44
C ASP A 255 4.19 3.60 -7.05
N SER A 256 4.87 2.48 -6.86
CA SER A 256 5.34 2.06 -5.54
C SER A 256 6.87 2.04 -5.59
N ARG A 257 7.51 2.82 -6.51
CA ARG A 257 8.94 2.70 -6.79
C ARG A 257 9.76 2.96 -5.50
N GLY A 258 9.22 3.73 -4.56
CA GLY A 258 10.05 4.12 -3.40
C GLY A 258 9.69 3.25 -2.16
N CYS A 259 8.76 2.28 -2.31
CA CYS A 259 8.30 1.43 -1.19
C CYS A 259 9.16 0.15 -1.14
N THR A 260 9.81 -0.08 0.03
CA THR A 260 10.56 -1.32 0.16
C THR A 260 10.64 -1.73 1.61
N GLY A 261 10.79 -3.04 1.88
CA GLY A 261 10.97 -3.47 3.25
C GLY A 261 9.66 -3.59 4.03
N GLN A 262 8.51 -3.48 3.36
CA GLN A 262 7.26 -3.14 4.10
C GLN A 262 6.20 -4.22 3.92
N ASN A 263 5.25 -4.30 4.86
CA ASN A 263 4.06 -5.09 4.62
C ASN A 263 2.94 -4.17 4.12
N PHE A 264 2.08 -4.65 3.26
CA PHE A 264 0.88 -3.93 2.84
C PHE A 264 -0.22 -5.00 3.03
N VAL A 265 -1.18 -4.69 3.92
CA VAL A 265 -2.14 -5.60 4.46
C VAL A 265 -3.53 -5.32 3.85
N VAL A 266 -4.09 -6.34 3.15
CA VAL A 266 -5.41 -6.14 2.58
C VAL A 266 -6.33 -7.11 3.34
N ASP A 267 -6.94 -6.63 4.44
CA ASP A 267 -7.69 -7.60 5.27
C ASP A 267 -8.98 -7.06 5.84
N ALA A 268 -9.51 -5.93 5.32
CA ALA A 268 -10.84 -5.51 5.77
C ALA A 268 -10.82 -5.38 7.31
N GLY A 269 -9.64 -5.19 7.91
CA GLY A 269 -9.55 -4.99 9.38
C GLY A 269 -9.65 -6.30 10.21
N LEU A 270 -9.49 -7.47 9.56
CA LEU A 270 -9.58 -8.75 10.29
C LEU A 270 -8.44 -8.89 11.31
N SER A 271 -7.26 -8.35 10.99
CA SER A 271 -6.12 -8.48 11.91
C SER A 271 -6.21 -7.55 13.14
N ILE A 272 -7.15 -6.58 13.18
CA ILE A 272 -7.19 -5.65 14.30
C ILE A 272 -8.51 -5.84 15.04
N GLN A 273 -8.52 -6.76 16.01
CA GLN A 273 -9.80 -7.15 16.66
C GLN A 273 -9.70 -7.00 18.18
N SER B 11 -3.05 22.13 -16.83
CA SER B 11 -1.82 22.90 -17.19
C SER B 11 -0.59 21.99 -17.09
N SER B 12 0.09 21.85 -18.25
CA SER B 12 1.27 21.05 -18.46
C SER B 12 2.38 21.56 -17.54
N GLY B 13 2.26 22.80 -17.02
CA GLY B 13 3.23 23.37 -16.08
C GLY B 13 3.27 22.66 -14.73
N MET B 14 2.12 22.06 -14.36
CA MET B 14 1.85 21.41 -13.07
C MET B 14 1.98 19.90 -13.19
N ASN B 15 2.82 19.37 -12.29
CA ASN B 15 3.08 17.96 -12.13
C ASN B 15 1.77 17.13 -12.01
N ARG B 16 1.59 16.13 -12.86
CA ARG B 16 0.55 15.09 -12.88
C ARG B 16 0.90 13.96 -11.90
N HIS B 17 2.22 13.87 -11.54
CA HIS B 17 2.78 12.92 -10.57
C HIS B 17 2.83 11.43 -10.99
N THR B 18 1.86 10.96 -11.80
CA THR B 18 1.97 9.58 -12.25
C THR B 18 1.46 9.55 -13.68
N ASP B 19 1.81 8.49 -14.40
CA ASP B 19 1.13 8.19 -15.67
C ASP B 19 -0.05 7.25 -15.40
N THR B 20 -0.18 6.65 -14.21
CA THR B 20 -1.30 5.71 -14.00
C THR B 20 -2.67 6.39 -14.12
N HIS B 21 -3.69 5.68 -14.60
CA HIS B 21 -5.03 6.23 -14.70
C HIS B 21 -6.03 5.44 -13.86
N TYR B 22 -6.69 6.12 -12.91
CA TYR B 22 -7.66 5.47 -12.03
C TYR B 22 -9.05 5.94 -12.37
N PRO B 23 -9.82 5.24 -13.21
CA PRO B 23 -11.19 5.66 -13.52
C PRO B 23 -12.08 5.88 -12.29
N SER B 24 -11.84 5.12 -11.22
CA SER B 24 -12.65 5.24 -10.02
C SER B 24 -12.43 6.58 -9.31
N LEU B 25 -11.37 7.37 -9.66
CA LEU B 25 -11.20 8.68 -9.00
C LEU B 25 -11.92 9.84 -9.70
N ALA B 26 -12.24 9.62 -10.98
CA ALA B 26 -12.93 10.65 -11.76
C ALA B 26 -14.15 11.18 -10.97
N ASP B 27 -14.24 12.51 -10.76
CA ASP B 27 -15.42 13.13 -10.12
C ASP B 27 -15.60 12.87 -8.62
N LYS B 28 -14.71 12.14 -7.98
CA LYS B 28 -14.87 11.94 -6.57
C LYS B 28 -14.51 13.27 -5.92
N VAL B 29 -15.08 13.55 -4.77
CA VAL B 29 -14.77 14.77 -4.04
C VAL B 29 -13.66 14.51 -3.05
N VAL B 30 -12.59 15.29 -3.17
CA VAL B 30 -11.43 15.08 -2.32
C VAL B 30 -11.21 16.34 -1.51
N LEU B 31 -10.85 16.19 -0.21
CA LEU B 31 -10.54 17.32 0.65
C LEU B 31 -9.15 17.15 1.32
N ILE B 32 -8.24 18.11 1.17
CA ILE B 32 -6.86 18.02 1.66
C ILE B 32 -6.57 19.26 2.51
N SER B 33 -6.05 19.05 3.74
CA SER B 33 -5.75 20.11 4.65
C SER B 33 -4.27 20.33 4.45
N GLY B 34 -3.86 21.61 4.54
CA GLY B 34 -2.50 22.05 4.26
C GLY B 34 -2.16 21.72 2.80
N GLY B 35 -3.09 21.96 1.88
CA GLY B 35 -2.90 21.67 0.46
C GLY B 35 -2.10 22.67 -0.37
N ALA B 36 -1.64 23.79 0.18
CA ALA B 36 -1.17 24.80 -0.76
C ALA B 36 0.34 24.68 -1.04
N SER B 37 1.08 23.87 -0.27
CA SER B 37 2.54 23.86 -0.28
C SER B 37 2.96 22.39 -0.25
N GLY B 38 4.21 22.08 -0.61
CA GLY B 38 4.83 20.75 -0.43
C GLY B 38 3.97 19.54 -0.79
N ILE B 39 3.80 18.61 0.16
CA ILE B 39 3.20 17.32 -0.11
C ILE B 39 1.71 17.53 -0.35
N GLY B 40 1.11 18.39 0.47
CA GLY B 40 -0.31 18.70 0.30
C GLY B 40 -0.58 19.20 -1.13
N ARG B 41 0.35 20.02 -1.69
CA ARG B 41 0.18 20.54 -3.06
C ARG B 41 0.27 19.42 -4.08
N ALA B 42 1.20 18.48 -3.82
CA ALA B 42 1.30 17.36 -4.74
C ALA B 42 0.01 16.52 -4.73
N PHE B 43 -0.66 16.33 -3.58
CA PHE B 43 -1.94 15.63 -3.53
C PHE B 43 -2.95 16.34 -4.40
N VAL B 44 -3.05 17.66 -4.13
CA VAL B 44 -4.01 18.50 -4.85
C VAL B 44 -3.80 18.33 -6.34
N GLU B 45 -2.55 18.48 -6.81
CA GLU B 45 -2.24 18.31 -8.23
C GLU B 45 -2.61 16.92 -8.76
N ALA B 46 -2.25 15.86 -7.99
CA ALA B 46 -2.40 14.49 -8.51
C ALA B 46 -3.88 14.14 -8.63
N PHE B 47 -4.69 14.57 -7.69
CA PHE B 47 -6.12 14.24 -7.76
C PHE B 47 -6.82 15.01 -8.87
N VAL B 48 -6.39 16.28 -9.04
CA VAL B 48 -7.01 17.04 -10.09
C VAL B 48 -6.68 16.36 -11.42
N ALA B 49 -5.46 15.85 -11.53
CA ALA B 49 -5.05 15.25 -12.81
C ALA B 49 -5.84 14.00 -13.11
N GLN B 50 -6.39 13.31 -12.11
CA GLN B 50 -7.22 12.12 -12.28
C GLN B 50 -8.69 12.50 -12.48
N GLY B 51 -8.94 13.83 -12.45
CA GLY B 51 -10.24 14.41 -12.72
C GLY B 51 -11.16 14.30 -11.49
N SER B 52 -10.59 14.30 -10.27
CA SER B 52 -11.40 14.49 -9.08
C SER B 52 -11.78 15.96 -8.95
N ARG B 53 -12.82 16.22 -8.12
CA ARG B 53 -13.16 17.56 -7.63
C ARG B 53 -12.42 17.76 -6.31
N VAL B 54 -11.38 18.62 -6.30
CA VAL B 54 -10.47 18.67 -5.16
C VAL B 54 -10.63 20.02 -4.44
N ALA B 55 -10.96 19.96 -3.12
CA ALA B 55 -11.00 21.13 -2.23
C ALA B 55 -9.77 21.01 -1.34
N PHE B 56 -9.09 22.14 -1.14
CA PHE B 56 -8.06 22.12 -0.12
C PHE B 56 -8.15 23.34 0.80
N LEU B 57 -7.63 23.13 2.02
CA LEU B 57 -7.58 24.13 3.08
C LEU B 57 -6.14 24.49 3.36
N ASP B 58 -5.90 25.79 3.65
CA ASP B 58 -4.56 26.22 3.98
C ASP B 58 -4.65 27.58 4.66
N LEU B 59 -3.69 27.87 5.53
CA LEU B 59 -3.67 29.20 6.15
C LEU B 59 -2.96 30.18 5.21
N ASP B 60 -2.23 29.70 4.19
CA ASP B 60 -1.59 30.66 3.29
C ASP B 60 -2.50 30.95 2.11
N ALA B 61 -3.24 32.06 2.17
CA ALA B 61 -4.28 32.46 1.23
C ALA B 61 -3.75 32.73 -0.19
N GLU B 62 -2.65 33.49 -0.27
CA GLU B 62 -2.03 33.84 -1.55
C GLU B 62 -1.37 32.61 -2.19
N ALA B 63 -0.88 31.66 -1.40
CA ALA B 63 -0.37 30.43 -1.97
C ALA B 63 -1.53 29.55 -2.45
N GLY B 64 -2.63 29.58 -1.69
CA GLY B 64 -3.79 28.75 -1.99
C GLY B 64 -4.50 29.22 -3.27
N GLN B 65 -4.73 30.54 -3.37
CA GLN B 65 -5.27 31.23 -4.52
C GLN B 65 -4.41 30.95 -5.76
N GLY B 66 -3.08 31.01 -5.65
CA GLY B 66 -2.25 30.76 -6.82
C GLY B 66 -2.46 29.33 -7.31
N LEU B 67 -2.51 28.40 -6.39
CA LEU B 67 -2.63 27.00 -6.75
C LEU B 67 -4.03 26.74 -7.33
N ALA B 68 -5.10 27.28 -6.72
CA ALA B 68 -6.43 27.06 -7.32
C ALA B 68 -6.50 27.67 -8.73
N HIS B 69 -5.91 28.84 -8.90
CA HIS B 69 -5.87 29.50 -10.21
C HIS B 69 -5.10 28.62 -11.20
N ALA B 70 -3.98 28.02 -10.79
CA ALA B 70 -3.20 27.22 -11.71
C ALA B 70 -3.95 25.94 -12.08
N LEU B 71 -4.75 25.37 -11.14
CA LEU B 71 -5.34 24.06 -11.37
C LEU B 71 -6.76 24.17 -11.92
N GLY B 72 -7.39 25.36 -11.90
CA GLY B 72 -8.68 25.51 -12.57
C GLY B 72 -9.89 25.09 -11.74
N ALA B 73 -11.03 24.92 -12.44
CA ALA B 73 -12.37 24.98 -11.86
C ALA B 73 -12.69 23.73 -11.03
N ASN B 74 -11.95 22.64 -11.19
CA ASN B 74 -12.24 21.48 -10.34
C ASN B 74 -11.30 21.48 -9.15
N SER B 75 -10.64 22.65 -8.90
CA SER B 75 -9.86 22.83 -7.69
C SER B 75 -10.58 23.88 -6.87
N LEU B 76 -10.76 23.68 -5.57
CA LEU B 76 -11.34 24.72 -4.77
C LEU B 76 -10.48 25.04 -3.53
N PHE B 77 -10.08 26.33 -3.36
CA PHE B 77 -9.27 26.71 -2.23
C PHE B 77 -10.15 27.39 -1.17
N LEU B 78 -10.22 26.83 0.05
CA LEU B 78 -10.98 27.42 1.16
C LEU B 78 -9.94 27.86 2.20
N PRO B 79 -9.74 29.17 2.47
CA PRO B 79 -8.90 29.60 3.58
C PRO B 79 -9.25 28.99 4.95
N CYS B 80 -8.26 28.46 5.68
CA CYS B 80 -8.60 27.85 6.95
C CYS B 80 -7.35 27.69 7.80
N ASP B 81 -7.50 28.07 9.06
CA ASP B 81 -6.54 27.77 10.10
C ASP B 81 -7.11 26.59 10.88
N VAL B 82 -6.44 25.42 10.76
CA VAL B 82 -6.96 24.16 11.28
C VAL B 82 -7.07 24.14 12.82
N ARG B 83 -6.46 25.11 13.49
CA ARG B 83 -6.55 25.23 14.94
C ARG B 83 -7.95 25.66 15.30
N ASP B 84 -8.61 26.38 14.35
CA ASP B 84 -9.96 26.85 14.60
C ASP B 84 -10.90 25.76 14.11
N ILE B 85 -11.38 24.92 15.05
CA ILE B 85 -12.25 23.79 14.69
C ILE B 85 -13.56 24.29 14.06
N GLU B 86 -14.14 25.33 14.65
CA GLU B 86 -15.28 26.01 14.04
C GLU B 86 -15.12 26.28 12.51
N ARG B 87 -14.00 26.87 12.08
CA ARG B 87 -13.79 27.23 10.67
C ARG B 87 -13.56 25.94 9.88
N LEU B 88 -12.90 24.97 10.52
CA LEU B 88 -12.69 23.70 9.86
C LEU B 88 -14.05 23.05 9.60
N LYS B 89 -14.95 23.01 10.59
CA LYS B 89 -16.27 22.42 10.31
C LYS B 89 -17.03 23.29 9.25
N ALA B 90 -16.80 24.60 9.25
CA ALA B 90 -17.49 25.41 8.25
C ALA B 90 -16.97 25.11 6.85
N CYS B 91 -15.64 24.90 6.73
CA CYS B 91 -15.01 24.66 5.45
C CYS B 91 -15.52 23.33 4.89
N VAL B 92 -15.69 22.34 5.75
CA VAL B 92 -16.29 21.05 5.39
C VAL B 92 -17.71 21.26 4.86
N ALA B 93 -18.54 21.98 5.60
CA ALA B 93 -19.96 22.17 5.28
C ALA B 93 -20.10 22.86 3.90
N GLU B 94 -19.13 23.77 3.63
CA GLU B 94 -19.13 24.50 2.35
C GLU B 94 -18.85 23.53 1.21
N VAL B 95 -17.88 22.64 1.40
CA VAL B 95 -17.53 21.67 0.39
C VAL B 95 -18.77 20.82 0.10
N GLU B 96 -19.42 20.30 1.14
CA GLU B 96 -20.58 19.43 0.99
C GLU B 96 -21.73 20.17 0.38
N ARG B 97 -21.85 21.50 0.65
CA ARG B 97 -22.85 22.31 -0.02
C ARG B 97 -22.57 22.42 -1.53
N THR B 98 -21.32 22.64 -1.95
CA THR B 98 -21.02 22.91 -3.35
C THR B 98 -21.06 21.63 -4.20
N TRP B 99 -20.31 20.62 -3.76
CA TRP B 99 -20.25 19.30 -4.39
C TRP B 99 -20.96 18.48 -3.29
N GLY B 100 -21.33 17.20 -3.40
CA GLY B 100 -21.96 16.60 -2.20
C GLY B 100 -20.97 16.19 -1.07
N ALA B 101 -21.33 15.12 -0.30
CA ALA B 101 -20.48 14.48 0.71
C ALA B 101 -19.05 14.24 0.20
N VAL B 102 -18.06 14.46 1.08
CA VAL B 102 -16.69 14.18 0.69
C VAL B 102 -16.48 12.66 0.46
N ASP B 103 -15.70 12.31 -0.58
CA ASP B 103 -15.36 10.93 -0.88
C ASP B 103 -14.05 10.55 -0.23
N VAL B 104 -13.11 11.52 -0.16
CA VAL B 104 -11.76 11.22 0.25
C VAL B 104 -11.25 12.40 1.09
N LEU B 105 -10.94 12.13 2.36
CA LEU B 105 -10.39 13.17 3.23
C LEU B 105 -8.91 12.82 3.46
N ILE B 106 -8.00 13.77 3.22
CA ILE B 106 -6.60 13.61 3.57
C ILE B 106 -6.24 14.61 4.64
N ASN B 107 -5.98 14.09 5.84
CA ASN B 107 -5.55 14.86 6.98
C ASN B 107 -4.06 15.04 6.85
N ASN B 108 -3.66 16.17 6.28
CA ASN B 108 -2.27 16.44 5.95
C ASN B 108 -1.66 17.62 6.73
N ALA B 109 -2.45 18.58 7.23
CA ALA B 109 -1.81 19.79 7.80
C ALA B 109 -1.04 19.43 9.06
N ALA B 110 0.12 20.07 9.32
CA ALA B 110 1.05 19.69 10.38
C ALA B 110 2.15 20.75 10.43
N ARG B 111 2.96 20.76 11.49
CA ARG B 111 4.00 21.76 11.72
C ARG B 111 5.13 21.00 12.40
N ASP B 112 6.28 20.94 11.75
CA ASP B 112 7.34 20.07 12.24
C ASP B 112 8.55 20.92 12.67
N ASP B 113 8.33 22.13 13.21
CA ASP B 113 9.49 22.89 13.73
C ASP B 113 10.15 22.13 14.89
N ARG B 114 11.49 22.19 14.98
CA ARG B 114 12.25 21.40 15.96
C ARG B 114 12.14 22.13 17.30
N HIS B 115 12.32 21.43 18.42
CA HIS B 115 12.14 21.95 19.76
C HIS B 115 12.70 20.90 20.69
N ALA B 116 13.69 21.29 21.51
CA ALA B 116 14.25 20.49 22.60
C ALA B 116 13.21 20.28 23.71
N LEU B 117 13.21 19.09 24.31
CA LEU B 117 12.23 18.74 25.33
C LEU B 117 12.24 19.72 26.50
N ALA B 118 13.41 20.25 26.83
CA ALA B 118 13.50 21.06 28.03
C ALA B 118 12.87 22.43 27.72
N ASP B 119 12.83 22.80 26.42
CA ASP B 119 12.39 24.10 25.95
C ASP B 119 10.86 24.20 25.93
N VAL B 120 10.11 23.07 26.05
CA VAL B 120 8.70 23.03 25.66
C VAL B 120 7.86 23.64 26.77
N SER B 121 7.06 24.68 26.48
CA SER B 121 6.18 25.28 27.49
C SER B 121 4.80 24.65 27.30
N VAL B 122 3.91 24.77 28.27
CA VAL B 122 2.54 24.27 28.14
C VAL B 122 1.84 24.82 26.91
N GLU B 123 1.93 26.18 26.71
CA GLU B 123 1.36 26.90 25.56
C GLU B 123 1.89 26.30 24.24
N TYR B 124 3.22 26.02 24.17
CA TYR B 124 3.72 25.45 22.91
C TYR B 124 3.10 24.09 22.60
N TRP B 125 3.05 23.26 23.66
CA TRP B 125 2.63 21.88 23.52
C TRP B 125 1.18 21.91 23.06
N ASP B 126 0.34 22.73 23.71
CA ASP B 126 -1.07 22.74 23.31
C ASP B 126 -1.23 23.20 21.85
N GLU B 127 -0.49 24.27 21.48
CA GLU B 127 -0.60 24.78 20.10
C GLU B 127 -0.21 23.67 19.12
N ARG B 128 0.96 23.04 19.37
CA ARG B 128 1.46 22.03 18.44
C ARG B 128 0.49 20.86 18.28
N MET B 129 -0.14 20.43 19.38
CA MET B 129 -1.14 19.35 19.36
C MET B 129 -2.36 19.79 18.54
N GLN B 130 -2.70 21.07 18.62
CA GLN B 130 -3.84 21.56 17.87
C GLN B 130 -3.61 21.58 16.34
N THR B 131 -2.43 22.01 15.85
CA THR B 131 -2.14 22.03 14.42
C THR B 131 -1.72 20.66 13.91
N ASN B 132 -1.22 19.81 14.82
CA ASN B 132 -0.69 18.51 14.39
C ASN B 132 -1.67 17.35 14.53
N LEU B 133 -2.59 17.37 15.51
CA LEU B 133 -3.39 16.19 15.78
C LEU B 133 -4.91 16.46 15.74
N ARG B 134 -5.33 17.50 16.45
CA ARG B 134 -6.73 17.63 16.87
C ARG B 134 -7.66 17.83 15.66
N HIS B 135 -7.17 18.51 14.62
CA HIS B 135 -7.99 18.70 13.43
C HIS B 135 -8.32 17.39 12.70
N ALA B 136 -7.38 16.42 12.75
CA ALA B 136 -7.57 15.26 11.90
C ALA B 136 -8.81 14.57 12.48
N PHE B 137 -8.92 14.59 13.81
CA PHE B 137 -10.11 14.01 14.44
C PHE B 137 -11.38 14.73 14.01
N PHE B 138 -11.40 16.05 14.13
CA PHE B 138 -12.63 16.82 13.90
C PHE B 138 -12.97 16.80 12.39
N ALA B 139 -11.94 16.81 11.52
CA ALA B 139 -12.22 16.70 10.08
C ALA B 139 -12.87 15.37 9.76
N ALA B 140 -12.34 14.28 10.38
CA ALA B 140 -12.95 12.96 10.13
C ALA B 140 -14.35 12.97 10.73
N GLN B 141 -14.51 13.67 11.89
CA GLN B 141 -15.84 13.70 12.49
C GLN B 141 -16.82 14.41 11.54
N ALA B 142 -16.34 15.49 10.90
CA ALA B 142 -17.19 16.27 9.99
C ALA B 142 -17.58 15.55 8.70
N VAL B 143 -16.68 14.78 8.11
CA VAL B 143 -17.01 14.21 6.82
C VAL B 143 -17.76 12.89 7.02
N ALA B 144 -17.68 12.28 8.21
CA ALA B 144 -18.20 10.94 8.40
C ALA B 144 -19.68 10.78 8.07
N PRO B 145 -20.58 11.60 8.61
CA PRO B 145 -22.00 11.35 8.41
C PRO B 145 -22.46 11.43 6.95
N GLY B 146 -21.93 12.40 6.20
CA GLY B 146 -22.11 12.42 4.73
C GLY B 146 -21.69 11.13 4.05
N MET B 147 -20.50 10.64 4.43
CA MET B 147 -20.03 9.37 3.90
C MET B 147 -21.02 8.26 4.25
N ALA B 148 -21.46 8.24 5.52
CA ALA B 148 -22.26 7.14 6.00
C ALA B 148 -23.57 7.14 5.24
N ARG B 149 -24.15 8.33 5.02
CA ARG B 149 -25.38 8.49 4.25
C ARG B 149 -25.17 7.78 2.92
N ARG B 150 -24.01 8.01 2.25
CA ARG B 150 -23.80 7.40 0.94
C ARG B 150 -23.50 5.90 1.07
N GLY B 151 -22.95 5.47 2.22
CA GLY B 151 -22.48 4.09 2.35
C GLY B 151 -20.99 3.89 1.96
N SER B 152 -20.19 4.97 1.79
CA SER B 152 -18.81 4.80 1.29
C SER B 152 -18.00 6.04 1.61
N GLY B 153 -16.70 5.87 1.74
CA GLY B 153 -15.71 6.93 1.67
C GLY B 153 -14.35 6.47 2.22
N ALA B 154 -13.35 7.37 2.11
CA ALA B 154 -12.00 6.97 2.44
C ALA B 154 -11.32 8.13 3.19
N ILE B 155 -10.62 7.79 4.28
CA ILE B 155 -9.87 8.80 5.03
C ILE B 155 -8.39 8.40 5.03
N ILE B 156 -7.50 9.31 4.70
CA ILE B 156 -6.07 9.05 4.82
C ILE B 156 -5.50 9.95 5.86
N ASN B 157 -4.83 9.39 6.91
CA ASN B 157 -4.19 10.18 7.90
C ASN B 157 -2.71 10.23 7.60
N MET B 158 -2.12 11.42 7.41
CA MET B 158 -0.70 11.47 7.15
C MET B 158 0.02 11.19 8.47
N GLY B 159 0.81 10.10 8.45
CA GLY B 159 1.60 9.61 9.58
C GLY B 159 3.06 9.99 9.32
N SER B 160 4.03 9.43 10.01
CA SER B 160 5.47 9.80 9.92
C SER B 160 6.27 8.63 10.49
N ILE B 161 7.44 8.33 9.92
CA ILE B 161 8.25 7.23 10.48
C ILE B 161 9.10 7.77 11.65
N SER B 162 8.97 9.09 11.92
CA SER B 162 9.83 9.74 12.90
C SER B 162 9.63 9.09 14.27
N TRP B 163 8.36 8.83 14.67
CA TRP B 163 8.13 8.27 15.99
C TRP B 163 8.53 6.82 15.96
N MET B 164 8.35 6.19 14.84
CA MET B 164 8.76 4.80 14.74
C MET B 164 10.29 4.66 14.96
N ARG B 165 11.06 5.62 14.46
CA ARG B 165 12.52 5.59 14.58
C ARG B 165 12.96 6.31 15.87
N GLY B 166 12.01 6.70 16.73
CA GLY B 166 12.38 7.28 18.04
C GLY B 166 13.16 8.61 17.82
N ARG B 167 12.72 9.38 16.83
CA ARG B 167 13.48 10.60 16.41
C ARG B 167 13.37 11.65 17.51
N PRO B 168 14.53 12.15 18.03
CA PRO B 168 14.55 13.15 19.10
C PRO B 168 14.30 14.60 18.63
N GLY B 169 13.99 15.55 19.52
CA GLY B 169 14.09 17.00 19.25
C GLY B 169 12.79 17.59 18.67
N MET B 170 11.66 16.85 18.74
CA MET B 170 10.42 17.40 18.20
C MET B 170 9.25 16.60 18.75
N VAL B 171 9.22 16.53 20.09
CA VAL B 171 8.28 15.67 20.80
C VAL B 171 6.82 15.97 20.47
N CYS B 172 6.44 17.26 20.23
CA CYS B 172 5.02 17.47 19.98
C CYS B 172 4.60 16.88 18.64
N TYR B 173 5.50 17.03 17.64
CA TYR B 173 5.21 16.53 16.29
C TYR B 173 5.25 15.00 16.22
N THR B 174 6.31 14.38 16.77
CA THR B 174 6.37 12.91 16.74
C THR B 174 5.23 12.29 17.56
N THR B 175 4.88 12.90 18.69
CA THR B 175 3.83 12.33 19.52
C THR B 175 2.46 12.46 18.84
N ALA B 176 2.19 13.58 18.19
CA ALA B 176 0.98 13.69 17.35
C ALA B 176 0.96 12.61 16.28
N LYS B 177 2.10 12.43 15.60
CA LYS B 177 2.12 11.44 14.53
C LYS B 177 1.82 10.07 15.15
N ALA B 178 2.40 9.78 16.32
CA ALA B 178 2.12 8.52 16.98
C ALA B 178 0.63 8.38 17.35
N ALA B 179 0.02 9.49 17.80
CA ALA B 179 -1.40 9.54 18.09
C ALA B 179 -2.25 9.13 16.88
N LEU B 180 -1.92 9.65 15.71
CA LEU B 180 -2.72 9.37 14.50
C LEU B 180 -2.61 7.91 14.10
N ASN B 181 -1.46 7.25 14.44
CA ASN B 181 -1.29 5.86 14.09
C ASN B 181 -2.40 5.10 14.79
N GLY B 182 -2.69 5.47 16.04
CA GLY B 182 -3.71 4.76 16.80
C GLY B 182 -5.14 5.18 16.42
N MET B 183 -5.32 6.48 16.18
CA MET B 183 -6.60 7.00 15.72
C MET B 183 -7.06 6.37 14.40
N THR B 184 -6.14 6.04 13.49
CA THR B 184 -6.46 5.30 12.30
C THR B 184 -7.12 3.95 12.66
N ARG B 185 -6.46 3.11 13.53
CA ARG B 185 -7.06 1.79 13.86
C ARG B 185 -8.45 1.92 14.43
N THR B 186 -8.61 2.83 15.45
CA THR B 186 -9.89 2.81 16.15
C THR B 186 -11.01 3.42 15.28
N LEU B 187 -10.65 4.45 14.50
CA LEU B 187 -11.62 5.02 13.59
C LEU B 187 -12.04 3.98 12.52
N ALA B 188 -11.04 3.22 12.05
CA ALA B 188 -11.33 2.14 11.11
C ALA B 188 -12.45 1.24 11.61
N ARG B 189 -12.42 0.92 12.91
CA ARG B 189 -13.39 0.02 13.49
C ARG B 189 -14.69 0.79 13.66
N GLU B 190 -14.56 2.00 14.19
CA GLU B 190 -15.79 2.72 14.47
C GLU B 190 -16.60 3.04 13.21
N LEU B 191 -15.94 3.18 12.04
CA LEU B 191 -16.70 3.71 10.90
C LEU B 191 -16.85 2.69 9.78
N GLY B 192 -16.15 1.54 9.91
CA GLY B 192 -16.11 0.55 8.88
C GLY B 192 -17.50 -0.01 8.58
N GLY B 193 -18.34 -0.18 9.59
CA GLY B 193 -19.69 -0.67 9.33
C GLY B 193 -20.45 0.26 8.41
N GLN B 194 -20.03 1.53 8.39
CA GLN B 194 -20.70 2.53 7.56
C GLN B 194 -20.15 2.58 6.15
N GLY B 195 -19.14 1.75 5.83
CA GLY B 195 -18.51 1.74 4.54
C GLY B 195 -17.31 2.68 4.44
N ILE B 196 -16.81 3.24 5.56
CA ILE B 196 -15.72 4.19 5.51
C ILE B 196 -14.43 3.49 5.89
N ARG B 197 -13.41 3.57 4.98
CA ARG B 197 -12.13 2.96 5.25
C ARG B 197 -11.16 4.06 5.64
N ILE B 198 -10.26 3.75 6.58
CA ILE B 198 -9.32 4.75 7.08
C ILE B 198 -7.96 4.09 7.17
N ASN B 199 -6.93 4.77 6.65
CA ASN B 199 -5.60 4.21 6.68
C ASN B 199 -4.65 5.37 6.91
N SER B 200 -3.41 5.08 7.29
CA SER B 200 -2.41 6.11 7.42
CA SER B 200 -2.44 6.15 7.38
C SER B 200 -1.36 5.93 6.33
N LEU B 201 -1.09 7.03 5.63
CA LEU B 201 -0.03 7.11 4.67
C LEU B 201 1.18 7.62 5.46
N VAL B 202 2.29 6.88 5.40
CA VAL B 202 3.44 7.15 6.30
C VAL B 202 4.70 7.41 5.44
N PRO B 203 5.07 8.67 5.18
CA PRO B 203 6.26 8.97 4.41
C PRO B 203 7.53 8.85 5.23
N GLY B 204 8.62 8.68 4.48
CA GLY B 204 9.98 8.74 5.00
C GLY B 204 10.45 10.17 4.82
N ALA B 205 11.67 10.34 4.34
CA ALA B 205 12.26 11.67 4.20
C ALA B 205 12.01 12.19 2.79
N ILE B 206 11.02 13.02 2.64
CA ILE B 206 10.53 13.50 1.37
C ILE B 206 11.21 14.84 1.04
N ARG B 207 11.86 14.90 -0.11
CA ARG B 207 12.47 16.20 -0.48
C ARG B 207 11.34 17.15 -0.93
N THR B 208 11.34 18.44 -0.52
CA THR B 208 10.31 19.46 -0.77
C THR B 208 11.00 20.82 -1.07
N GLU B 209 10.46 21.94 -0.54
CA GLU B 209 10.97 23.28 -0.84
C GLU B 209 10.89 24.16 0.39
N ARG B 210 10.11 23.71 1.39
CA ARG B 210 10.22 24.18 2.76
C ARG B 210 11.66 24.66 3.04
N ALA B 220 24.70 22.79 -0.29
CA ALA B 220 25.95 22.67 0.51
C ALA B 220 25.71 21.66 1.65
N GLY B 221 25.23 22.15 2.81
CA GLY B 221 24.95 21.31 3.96
C GLY B 221 23.65 20.54 3.68
N LEU B 222 22.92 21.09 2.72
CA LEU B 222 21.71 20.48 2.21
C LEU B 222 22.12 19.18 1.48
N GLU B 223 23.18 19.27 0.61
CA GLU B 223 23.65 18.14 -0.19
C GLU B 223 24.06 16.99 0.74
N ALA B 224 24.76 17.35 1.83
CA ALA B 224 25.25 16.39 2.81
C ALA B 224 24.07 15.70 3.50
N ALA B 225 23.08 16.50 3.89
CA ALA B 225 21.96 15.94 4.62
C ALA B 225 21.24 14.97 3.67
N SER B 226 21.22 15.32 2.37
CA SER B 226 20.50 14.54 1.38
C SER B 226 21.19 13.19 1.16
N GLN B 227 22.53 13.24 1.09
CA GLN B 227 23.36 12.06 1.00
C GLN B 227 23.28 11.19 2.22
N ALA B 228 23.11 11.82 3.39
CA ALA B 228 22.92 11.08 4.61
C ALA B 228 21.66 10.21 4.51
N PHE B 229 20.57 10.78 4.00
CA PHE B 229 19.37 9.97 3.84
C PHE B 229 19.57 8.79 2.90
N ILE B 230 20.32 9.01 1.82
CA ILE B 230 20.49 8.01 0.78
C ILE B 230 21.33 6.90 1.38
N ASP B 231 22.31 7.26 2.18
CA ASP B 231 23.18 6.26 2.78
C ASP B 231 22.36 5.42 3.78
N GLN B 232 21.42 6.07 4.46
CA GLN B 232 20.64 5.32 5.46
C GLN B 232 19.51 4.48 4.86
N GLN B 233 18.93 4.96 3.75
CA GLN B 233 17.87 4.26 3.02
C GLN B 233 18.39 2.97 2.40
N MET B 234 17.44 2.05 2.13
CA MET B 234 17.72 0.85 1.35
C MET B 234 17.81 1.17 -0.14
N LEU B 235 16.94 2.02 -0.65
CA LEU B 235 16.96 2.35 -2.07
C LEU B 235 17.70 3.69 -2.14
N LYS B 236 18.70 3.70 -3.03
CA LYS B 236 19.68 4.77 -3.00
C LYS B 236 19.29 5.93 -3.90
N PHE B 237 18.13 6.54 -3.72
CA PHE B 237 17.73 7.75 -4.46
C PHE B 237 16.83 8.55 -3.50
N ARG B 238 16.59 9.84 -3.71
CA ARG B 238 15.74 10.54 -2.76
C ARG B 238 14.26 10.39 -3.14
N LEU B 239 13.39 10.30 -2.15
CA LEU B 239 11.94 10.40 -2.30
C LEU B 239 11.51 11.86 -2.48
N ASP B 240 10.42 12.09 -3.25
CA ASP B 240 9.90 13.44 -3.40
C ASP B 240 8.38 13.37 -3.21
N ALA B 241 7.69 14.52 -3.34
CA ALA B 241 6.27 14.59 -3.07
C ALA B 241 5.48 13.66 -3.98
N SER B 242 6.01 13.41 -5.21
CA SER B 242 5.33 12.51 -6.12
C SER B 242 5.14 11.12 -5.51
N ASP B 243 6.18 10.61 -4.88
CA ASP B 243 6.06 9.30 -4.22
C ASP B 243 4.89 9.24 -3.23
N CYS B 244 4.71 10.34 -2.43
CA CYS B 244 3.55 10.43 -1.56
C CYS B 244 2.23 10.44 -2.35
N ALA B 245 2.17 11.25 -3.41
CA ALA B 245 0.88 11.35 -4.06
C ALA B 245 0.54 10.03 -4.75
N ARG B 246 1.56 9.37 -5.35
CA ARG B 246 1.24 8.07 -5.95
C ARG B 246 0.62 7.11 -4.95
N LEU B 247 1.12 7.10 -3.69
CA LEU B 247 0.48 6.19 -2.74
C LEU B 247 -0.94 6.67 -2.45
N ALA B 248 -1.13 7.99 -2.22
CA ALA B 248 -2.46 8.57 -1.91
C ALA B 248 -3.52 8.20 -2.96
N LEU B 249 -3.12 8.17 -4.24
CA LEU B 249 -4.14 7.90 -5.27
C LEU B 249 -4.62 6.44 -5.14
N PHE B 250 -3.70 5.55 -4.86
CA PHE B 250 -4.06 4.13 -4.70
C PHE B 250 -5.00 3.97 -3.50
N LEU B 251 -4.64 4.61 -2.36
CA LEU B 251 -5.40 4.53 -1.12
C LEU B 251 -6.79 5.13 -1.25
N ALA B 252 -6.93 6.17 -2.13
CA ALA B 252 -8.22 6.77 -2.48
C ALA B 252 -9.10 5.92 -3.39
N SER B 253 -8.48 5.22 -4.32
CA SER B 253 -9.20 4.57 -5.40
C SER B 253 -9.92 3.32 -4.92
N ASP B 254 -10.77 2.79 -5.80
CA ASP B 254 -11.48 1.54 -5.61
C ASP B 254 -10.49 0.36 -5.55
N ASP B 255 -9.25 0.59 -5.99
CA ASP B 255 -8.26 -0.47 -6.02
C ASP B 255 -7.95 -0.93 -4.58
N SER B 256 -8.14 -0.04 -3.56
CA SER B 256 -7.79 -0.34 -2.20
C SER B 256 -9.04 -0.53 -1.35
N ARG B 257 -10.16 -0.94 -1.93
CA ARG B 257 -11.48 -0.90 -1.27
C ARG B 257 -11.53 -1.87 -0.08
N GLY B 258 -10.69 -2.91 -0.08
CA GLY B 258 -10.64 -3.82 1.08
C GLY B 258 -9.60 -3.48 2.16
N CYS B 259 -8.85 -2.35 2.00
CA CYS B 259 -7.73 -2.04 2.91
C CYS B 259 -8.24 -1.04 3.95
N THR B 260 -8.17 -1.37 5.24
CA THR B 260 -8.53 -0.36 6.25
C THR B 260 -7.77 -0.63 7.54
N GLY B 261 -7.60 0.42 8.35
CA GLY B 261 -6.94 0.26 9.64
C GLY B 261 -5.43 0.20 9.56
N GLN B 262 -4.83 0.41 8.35
CA GLN B 262 -3.44 -0.02 8.17
C GLN B 262 -2.50 1.18 7.91
N ASN B 263 -1.21 0.95 8.09
CA ASN B 263 -0.19 1.92 7.69
C ASN B 263 0.37 1.48 6.33
N PHE B 264 0.67 2.43 5.45
CA PHE B 264 1.34 2.13 4.18
C PHE B 264 2.50 3.10 4.23
N VAL B 265 3.70 2.56 4.31
CA VAL B 265 4.90 3.32 4.55
C VAL B 265 5.69 3.43 3.23
N VAL B 266 5.98 4.65 2.80
CA VAL B 266 6.70 4.93 1.59
C VAL B 266 7.95 5.65 2.06
N ASP B 267 9.02 4.90 2.36
CA ASP B 267 10.19 5.56 2.94
C ASP B 267 11.52 5.01 2.45
N ALA B 268 11.51 4.22 1.35
CA ALA B 268 12.81 3.80 0.75
C ALA B 268 13.62 3.02 1.78
N GLY B 269 12.92 2.49 2.83
CA GLY B 269 13.57 1.63 3.84
C GLY B 269 14.23 2.41 4.98
N LEU B 270 13.97 3.74 5.06
CA LEU B 270 14.66 4.53 6.10
C LEU B 270 14.24 4.12 7.53
N SER B 271 13.02 3.57 7.68
CA SER B 271 12.52 3.21 9.01
C SER B 271 13.16 1.91 9.51
N ILE B 272 13.89 1.19 8.65
CA ILE B 272 14.36 -0.13 9.02
C ILE B 272 15.89 -0.15 8.91
N GLN B 273 16.54 0.20 10.00
CA GLN B 273 17.99 0.37 9.84
C GLN B 273 18.70 -0.06 11.14
#